data_5OWB
#
_entry.id   5OWB
#
_cell.length_a   60.426
_cell.length_b   60.426
_cell.length_c   63.468
_cell.angle_alpha   90.00
_cell.angle_beta   90.00
_cell.angle_gamma   120.00
#
_symmetry.space_group_name_H-M   'P 32 2 1'
#
loop_
_entity.id
_entity.type
_entity.pdbx_description
1 polymer Peregrin
2 non-polymer 'NITRATE ION'
3 non-polymer 4-methyl-6-oxidanyl-1-benzofuran-3-one
4 water water
#
_entity_poly.entity_id   1
_entity_poly.type   'polypeptide(L)'
_entity_poly.pdbx_seq_one_letter_code
;SMEMQLTPFLILLRKTLEQLQEKDTGNIFSEPVPLSEVPDYLDHIKKPMDFFTMKQNLEAYRYLNFDDFEEDFNLIVSNC
LKYNAKDTIFYRAAVRLREQGGAVLRQARRQAEKMG
;
_entity_poly.pdbx_strand_id   A
#
# COMPACT_ATOMS: atom_id res chain seq x y z
N MET A 4 -8.49 18.56 12.20
CA MET A 4 -7.82 19.13 11.05
C MET A 4 -8.77 19.33 9.86
N GLN A 5 -8.24 19.98 8.82
CA GLN A 5 -8.95 20.24 7.59
C GLN A 5 -8.77 19.07 6.64
N LEU A 6 -9.82 18.72 5.89
CA LEU A 6 -9.76 17.54 5.04
C LEU A 6 -8.82 17.76 3.86
N THR A 7 -8.90 18.92 3.21
CA THR A 7 -8.15 19.13 1.97
C THR A 7 -6.64 18.98 2.15
N PRO A 8 -5.98 19.63 3.11
CA PRO A 8 -4.52 19.41 3.26
C PRO A 8 -4.17 17.98 3.60
N PHE A 9 -5.03 17.29 4.34
CA PHE A 9 -4.75 15.90 4.67
C PHE A 9 -4.80 15.03 3.43
N LEU A 10 -5.79 15.24 2.56
CA LEU A 10 -5.86 14.42 1.37
C LEU A 10 -4.71 14.73 0.42
N ILE A 11 -4.30 16.00 0.35
CA ILE A 11 -3.12 16.37 -0.44
C ILE A 11 -1.90 15.60 0.05
N LEU A 12 -1.74 15.54 1.38
CA LEU A 12 -0.63 14.78 1.96
C LEU A 12 -0.73 13.30 1.63
N LEU A 13 -1.93 12.72 1.74
CA LEU A 13 -2.04 11.30 1.40
C LEU A 13 -1.74 11.05 -0.07
N ARG A 14 -2.16 11.95 -0.97
CA ARG A 14 -1.86 11.79 -2.39
C ARG A 14 -0.35 11.77 -2.60
N LYS A 15 0.36 12.71 -1.98
CA LYS A 15 1.82 12.76 -2.12
C LYS A 15 2.46 11.52 -1.54
N THR A 16 1.97 11.08 -0.38
CA THR A 16 2.52 9.90 0.28
C THR A 16 2.30 8.65 -0.56
N LEU A 17 1.10 8.52 -1.13
CA LEU A 17 0.83 7.39 -2.01
C LEU A 17 1.76 7.40 -3.21
N GLU A 18 2.00 8.59 -3.79
CA GLU A 18 2.95 8.66 -4.91
C GLU A 18 4.34 8.24 -4.48
N GLN A 19 4.77 8.64 -3.28
CA GLN A 19 6.08 8.26 -2.78
C GLN A 19 6.18 6.76 -2.55
N LEU A 20 5.11 6.16 -2.03
CA LEU A 20 5.11 4.72 -1.83
C LEU A 20 5.17 4.00 -3.17
N GLN A 21 4.40 4.47 -4.15
CA GLN A 21 4.42 3.84 -5.47
C GLN A 21 5.79 3.94 -6.09
N GLU A 22 6.51 5.03 -5.82
CA GLU A 22 7.87 5.19 -6.35
C GLU A 22 8.82 4.10 -5.84
N LYS A 23 8.58 3.58 -4.63
CA LYS A 23 9.44 2.51 -4.13
C LYS A 23 9.15 1.17 -4.79
N ASP A 24 7.98 1.02 -5.40
CA ASP A 24 7.59 -0.19 -6.12
C ASP A 24 8.03 -0.04 -7.57
N THR A 25 9.33 -0.27 -7.81
CA THR A 25 9.87 0.12 -9.12
C THR A 25 9.42 -0.82 -10.23
N GLY A 26 9.16 -2.08 -9.91
CA GLY A 26 8.58 -2.97 -10.88
C GLY A 26 7.11 -2.78 -11.11
N ASN A 27 6.46 -1.90 -10.34
CA ASN A 27 5.02 -1.70 -10.42
C ASN A 27 4.28 -3.03 -10.22
N ILE A 28 4.80 -3.91 -9.37
CA ILE A 28 4.07 -5.17 -9.22
C ILE A 28 2.86 -4.98 -8.33
N PHE A 29 2.80 -3.89 -7.56
CA PHE A 29 1.65 -3.61 -6.70
C PHE A 29 0.77 -2.48 -7.24
N SER A 30 0.92 -2.09 -8.50
CA SER A 30 0.21 -0.92 -9.00
CA SER A 30 0.22 -0.93 -9.02
C SER A 30 -1.27 -1.21 -9.22
N GLU A 31 -1.63 -2.46 -9.53
CA GLU A 31 -2.99 -2.83 -9.84
C GLU A 31 -3.34 -4.11 -9.10
N PRO A 32 -4.63 -4.44 -9.01
CA PRO A 32 -5.02 -5.66 -8.28
C PRO A 32 -4.34 -6.89 -8.85
N VAL A 33 -4.03 -7.83 -7.96
CA VAL A 33 -3.57 -9.14 -8.39
C VAL A 33 -4.62 -9.68 -9.36
N PRO A 34 -4.24 -10.02 -10.60
CA PRO A 34 -5.25 -10.46 -11.57
C PRO A 34 -5.82 -11.82 -11.21
N LEU A 35 -7.07 -11.84 -10.72
CA LEU A 35 -7.68 -13.07 -10.22
C LEU A 35 -7.86 -14.10 -11.32
N SER A 36 -7.95 -13.68 -12.58
CA SER A 36 -8.04 -14.64 -13.66
C SER A 36 -6.71 -15.35 -13.89
N GLU A 37 -5.60 -14.68 -13.58
CA GLU A 37 -4.28 -15.28 -13.75
C GLU A 37 -3.78 -15.95 -12.47
N VAL A 38 -4.32 -15.56 -11.33
CA VAL A 38 -4.00 -16.20 -10.05
C VAL A 38 -5.29 -16.74 -9.46
N PRO A 39 -5.77 -17.88 -9.95
CA PRO A 39 -7.12 -18.32 -9.56
C PRO A 39 -7.27 -18.68 -8.09
N ASP A 40 -6.20 -19.07 -7.41
CA ASP A 40 -6.29 -19.49 -6.02
C ASP A 40 -6.00 -18.36 -5.05
N TYR A 41 -5.92 -17.12 -5.54
CA TYR A 41 -5.48 -16.00 -4.70
C TYR A 41 -6.46 -15.74 -3.56
N LEU A 42 -7.75 -15.70 -3.86
CA LEU A 42 -8.75 -15.39 -2.84
C LEU A 42 -8.93 -16.52 -1.85
N ASP A 43 -8.48 -17.73 -2.18
CA ASP A 43 -8.51 -18.83 -1.22
C ASP A 43 -7.67 -18.51 0.00
N HIS A 44 -6.59 -17.74 -0.17
CA HIS A 44 -5.64 -17.43 0.88
C HIS A 44 -5.77 -16.00 1.40
N ILE A 45 -6.19 -15.07 0.55
CA ILE A 45 -6.09 -13.64 0.82
C ILE A 45 -7.48 -13.11 1.08
N LYS A 46 -7.73 -12.69 2.33
CA LYS A 46 -9.07 -12.24 2.72
C LYS A 46 -9.42 -10.91 2.08
N LYS A 47 -8.47 -9.99 2.01
CA LYS A 47 -8.71 -8.63 1.51
C LYS A 47 -7.58 -8.22 0.59
N PRO A 48 -7.72 -8.44 -0.72
CA PRO A 48 -6.70 -7.96 -1.66
C PRO A 48 -6.56 -6.45 -1.58
N MET A 49 -5.35 -5.96 -1.89
CA MET A 49 -5.11 -4.53 -1.91
C MET A 49 -3.99 -4.23 -2.90
N ASP A 50 -4.00 -3.00 -3.42
CA ASP A 50 -3.03 -2.55 -4.41
C ASP A 50 -3.09 -1.03 -4.45
N PHE A 51 -2.12 -0.43 -5.15
CA PHE A 51 -2.02 1.02 -5.11
C PHE A 51 -3.14 1.71 -5.88
N PHE A 52 -3.67 1.08 -6.93
CA PHE A 52 -4.78 1.70 -7.67
C PHE A 52 -6.04 1.74 -6.82
N THR A 53 -6.35 0.63 -6.15
CA THR A 53 -7.46 0.61 -5.20
C THR A 53 -7.26 1.63 -4.10
N MET A 54 -6.04 1.76 -3.59
CA MET A 54 -5.78 2.78 -2.57
C MET A 54 -6.10 4.18 -3.08
N LYS A 55 -5.71 4.47 -4.32
CA LYS A 55 -6.01 5.79 -4.89
C LYS A 55 -7.51 6.00 -5.00
N GLN A 56 -8.25 4.96 -5.40
CA GLN A 56 -9.70 5.09 -5.46
C GLN A 56 -10.29 5.30 -4.08
N ASN A 57 -9.82 4.54 -3.09
CA ASN A 57 -10.29 4.74 -1.73
C ASN A 57 -9.96 6.14 -1.24
N LEU A 58 -8.76 6.63 -1.53
CA LEU A 58 -8.39 7.99 -1.13
C LEU A 58 -9.39 9.01 -1.68
N GLU A 59 -9.68 8.92 -2.97
CA GLU A 59 -10.53 9.92 -3.60
C GLU A 59 -12.00 9.74 -3.23
N ALA A 60 -12.40 8.53 -2.86
CA ALA A 60 -13.74 8.28 -2.33
C ALA A 60 -13.88 8.70 -0.88
N TYR A 61 -12.85 9.34 -0.32
CA TYR A 61 -12.86 9.82 1.06
C TYR A 61 -12.96 8.67 2.05
N ARG A 62 -12.32 7.56 1.73
CA ARG A 62 -12.34 6.41 2.62
C ARG A 62 -11.18 6.39 3.61
N TYR A 63 -10.18 7.27 3.44
CA TYR A 63 -9.06 7.41 4.38
C TYR A 63 -9.18 8.78 5.06
N LEU A 64 -9.71 8.79 6.27
CA LEU A 64 -9.86 10.02 7.02
C LEU A 64 -8.87 10.12 8.17
N ASN A 65 -8.03 9.11 8.36
CA ASN A 65 -6.95 9.21 9.31
C ASN A 65 -5.77 8.46 8.73
N PHE A 66 -4.60 8.71 9.30
CA PHE A 66 -3.42 8.10 8.71
C PHE A 66 -3.42 6.59 8.88
N ASP A 67 -3.99 6.08 9.98
CA ASP A 67 -3.94 4.65 10.26
C ASP A 67 -4.71 3.84 9.21
N ASP A 68 -5.82 4.38 8.73
CA ASP A 68 -6.57 3.61 7.76
C ASP A 68 -5.83 3.54 6.43
N PHE A 69 -5.12 4.62 6.07
CA PHE A 69 -4.27 4.61 4.89
C PHE A 69 -3.16 3.60 5.05
N GLU A 70 -2.47 3.66 6.20
CA GLU A 70 -1.34 2.78 6.44
C GLU A 70 -1.78 1.33 6.53
N GLU A 71 -2.99 1.07 7.05
CA GLU A 71 -3.49 -0.31 7.12
C GLU A 71 -3.60 -0.93 5.74
N ASP A 72 -4.08 -0.16 4.75
CA ASP A 72 -4.22 -0.73 3.42
C ASP A 72 -2.86 -0.91 2.76
N PHE A 73 -1.92 0.01 3.01
CA PHE A 73 -0.57 -0.22 2.53
C PHE A 73 -0.01 -1.49 3.13
N ASN A 74 -0.21 -1.68 4.42
CA ASN A 74 0.30 -2.87 5.07
C ASN A 74 -0.32 -4.14 4.49
N LEU A 75 -1.57 -4.05 4.01
CA LEU A 75 -2.19 -5.19 3.36
C LEU A 75 -1.48 -5.54 2.06
N ILE A 76 -1.08 -4.52 1.28
CA ILE A 76 -0.30 -4.79 0.07
C ILE A 76 0.90 -5.66 0.40
N VAL A 77 1.64 -5.27 1.45
CA VAL A 77 2.83 -5.99 1.86
C VAL A 77 2.46 -7.37 2.40
N SER A 78 1.57 -7.42 3.39
CA SER A 78 1.30 -8.67 4.08
CA SER A 78 1.28 -8.66 4.08
C SER A 78 0.65 -9.70 3.15
N ASN A 79 -0.22 -9.26 2.25
CA ASN A 79 -0.82 -10.22 1.32
C ASN A 79 0.27 -10.89 0.50
N CYS A 80 1.24 -10.09 0.04
CA CYS A 80 2.31 -10.61 -0.80
C CYS A 80 3.23 -11.55 -0.02
N LEU A 81 3.56 -11.21 1.21
CA LEU A 81 4.36 -12.11 2.04
C LEU A 81 3.63 -13.42 2.29
N LYS A 82 2.30 -13.35 2.50
CA LYS A 82 1.53 -14.55 2.76
C LYS A 82 1.44 -15.45 1.53
N TYR A 83 1.13 -14.87 0.36
CA TYR A 83 0.80 -15.70 -0.80
C TYR A 83 2.03 -16.35 -1.41
N ASN A 84 3.18 -15.66 -1.39
CA ASN A 84 4.34 -16.05 -2.17
C ASN A 84 5.40 -16.68 -1.30
N ALA A 85 6.10 -17.65 -1.88
CA ALA A 85 7.19 -18.31 -1.15
C ALA A 85 8.34 -17.36 -0.93
N LYS A 86 9.11 -17.63 0.12
CA LYS A 86 10.18 -16.71 0.50
C LYS A 86 11.24 -16.59 -0.57
N ASP A 87 11.41 -17.59 -1.42
CA ASP A 87 12.47 -17.54 -2.40
C ASP A 87 12.04 -16.87 -3.71
N THR A 88 10.93 -16.15 -3.71
CA THR A 88 10.44 -15.50 -4.91
C THR A 88 10.82 -14.03 -4.92
N ILE A 89 10.90 -13.47 -6.12
CA ILE A 89 11.09 -12.03 -6.22
C ILE A 89 9.92 -11.29 -5.59
N PHE A 90 8.69 -11.79 -5.75
CA PHE A 90 7.53 -11.12 -5.16
C PHE A 90 7.67 -10.98 -3.65
N TYR A 91 8.03 -12.08 -2.98
CA TYR A 91 8.19 -11.99 -1.53
C TYR A 91 9.24 -10.96 -1.15
N ARG A 92 10.39 -10.98 -1.84
N ARG A 92 10.40 -10.99 -1.82
CA ARG A 92 11.44 -10.03 -1.50
CA ARG A 92 11.44 -10.03 -1.48
C ARG A 92 11.05 -8.61 -1.84
C ARG A 92 11.00 -8.61 -1.81
N ALA A 93 10.25 -8.44 -2.89
CA ALA A 93 9.74 -7.11 -3.24
C ALA A 93 8.86 -6.55 -2.14
N ALA A 94 8.05 -7.43 -1.51
CA ALA A 94 7.22 -6.96 -0.41
C ALA A 94 8.06 -6.59 0.81
N VAL A 95 9.10 -7.38 1.11
CA VAL A 95 9.99 -7.01 2.21
C VAL A 95 10.62 -5.65 1.94
N ARG A 96 11.10 -5.45 0.72
CA ARG A 96 11.75 -4.18 0.39
C ARG A 96 10.75 -3.04 0.48
N LEU A 97 9.53 -3.26 0.00
CA LEU A 97 8.51 -2.23 0.08
C LEU A 97 8.16 -1.94 1.53
N ARG A 98 8.10 -2.98 2.38
CA ARG A 98 7.85 -2.75 3.80
C ARG A 98 8.93 -1.84 4.39
N GLU A 99 10.19 -2.13 4.06
CA GLU A 99 11.31 -1.37 4.61
C GLU A 99 11.31 0.06 4.08
N GLN A 100 11.28 0.20 2.76
CA GLN A 100 11.39 1.52 2.17
C GLN A 100 10.13 2.34 2.41
N GLY A 101 8.97 1.67 2.41
CA GLY A 101 7.72 2.37 2.67
C GLY A 101 7.57 2.80 4.11
N GLY A 102 8.12 2.02 5.04
CA GLY A 102 8.04 2.40 6.45
C GLY A 102 8.61 3.77 6.71
N ALA A 103 9.73 4.09 6.08
CA ALA A 103 10.34 5.40 6.24
C ALA A 103 9.46 6.49 5.63
N VAL A 104 8.85 6.22 4.47
CA VAL A 104 7.97 7.21 3.84
C VAL A 104 6.79 7.49 4.75
N LEU A 105 6.26 6.45 5.36
CA LEU A 105 5.05 6.59 6.18
C LEU A 105 5.35 7.32 7.47
N ARG A 106 6.52 7.07 8.07
N ARG A 106 6.53 7.06 8.07
CA ARG A 106 6.87 7.76 9.30
CA ARG A 106 6.93 7.74 9.29
C ARG A 106 6.96 9.26 9.08
C ARG A 106 6.97 9.24 9.07
N GLN A 107 7.61 9.67 7.99
CA GLN A 107 7.72 11.09 7.70
C GLN A 107 6.36 11.69 7.37
N ALA A 108 5.54 10.96 6.62
CA ALA A 108 4.24 11.48 6.26
C ALA A 108 3.32 11.60 7.47
N ARG A 109 3.40 10.64 8.39
CA ARG A 109 2.56 10.69 9.58
C ARG A 109 2.93 11.86 10.46
N ARG A 110 4.22 12.18 10.53
CA ARG A 110 4.65 13.36 11.27
C ARG A 110 4.02 14.62 10.69
N GLN A 111 3.96 14.73 9.36
CA GLN A 111 3.31 15.87 8.74
C GLN A 111 1.82 15.90 9.05
N ALA A 112 1.19 14.73 9.08
CA ALA A 112 -0.22 14.66 9.46
C ALA A 112 -0.43 15.14 10.88
N GLU A 113 0.48 14.76 11.79
CA GLU A 113 0.33 15.14 13.21
C GLU A 113 0.51 16.64 13.44
N LYS A 114 1.21 17.33 12.54
CA LYS A 114 1.32 18.78 12.66
C LYS A 114 0.09 19.52 12.13
N MET A 115 -0.94 18.78 11.70
CA MET A 115 -2.16 19.40 11.19
C MET A 115 -3.18 19.54 12.31
#